data_4E9Z
#
_entry.id   4E9Z
#
_cell.length_a   80.589
_cell.length_b   80.589
_cell.length_c   91.759
_cell.angle_alpha   90.00
_cell.angle_beta   90.00
_cell.angle_gamma   120.00
#
_symmetry.space_group_name_H-M   'P 32 2 1'
#
loop_
_entity.id
_entity.type
_entity.pdbx_description
1 polymer 'Dehydrosqualene synthase'
2 non-polymer (3R)-3-biphenyl-4-yl-1-azabicyclo[2.2.2]octan-3-ol
3 water water
#
_entity_poly.entity_id   1
_entity_poly.type   'polypeptide(L)'
_entity_poly.pdbx_seq_one_letter_code
;MTMMDMNFKYCHKIMKKHSKSFSYAFDLLPEDQRKAVWAIYAVCRKIDDSIDVYGDIQFLNQIKEDIQSIEKYPYEYHHF
QSDRRIMMALQHVAQHKNIAFQSFYNLIDTVYKDQHFTMFETDAELFGYCYGVAGTVGEVLTPILSDHETHQTYDVARRL
GESLQLINILRDVGEDFENERIYFSKQRLKQYEVDIAEVYQNGVNNHYIDLWEYYAAIAEKDFRDVMDQIKVFSIEAQPI
IELAARIYIEILDEVRQANYTLHERVFVEKRKKAKLFHEINSKYHRI
;
_entity_poly.pdbx_strand_id   A
#
loop_
_chem_comp.id
_chem_comp.type
_chem_comp.name
_chem_comp.formula
651 non-polymer (3R)-3-biphenyl-4-yl-1-azabicyclo[2.2.2]octan-3-ol 'C19 H21 N O'
#
# COMPACT_ATOMS: atom_id res chain seq x y z
N MET A 1 -19.17 14.45 -19.38
CA MET A 1 -18.11 14.46 -18.30
C MET A 1 -18.22 15.73 -17.44
N THR A 2 -18.49 15.56 -16.16
CA THR A 2 -18.52 16.71 -15.24
C THR A 2 -17.12 17.07 -14.71
N MET A 3 -17.04 18.19 -14.00
CA MET A 3 -15.81 18.56 -13.29
C MET A 3 -15.39 17.49 -12.29
N MET A 4 -16.34 16.96 -11.54
CA MET A 4 -16.02 15.92 -10.58
C MET A 4 -15.55 14.61 -11.25
N ASP A 5 -16.16 14.23 -12.38
CA ASP A 5 -15.64 13.12 -13.18
C ASP A 5 -14.16 13.30 -13.51
N MET A 6 -13.79 14.51 -13.96
CA MET A 6 -12.41 14.82 -14.30
C MET A 6 -11.48 14.60 -13.09
N ASN A 7 -11.89 15.08 -11.91
CA ASN A 7 -11.07 14.88 -10.69
C ASN A 7 -10.80 13.37 -10.43
N PHE A 8 -11.87 12.56 -10.49
CA PHE A 8 -11.73 11.12 -10.34
C PHE A 8 -10.87 10.50 -11.45
N LYS A 9 -11.05 10.93 -12.69
CA LYS A 9 -10.24 10.31 -13.76
C LYS A 9 -8.76 10.60 -13.50
N TYR A 10 -8.48 11.79 -13.00
CA TYR A 10 -7.12 12.09 -12.63
C TYR A 10 -6.63 11.18 -11.50
N CYS A 11 -7.43 11.00 -10.44
CA CYS A 11 -7.06 10.04 -9.38
C CYS A 11 -6.76 8.65 -9.96
N HIS A 12 -7.55 8.26 -10.95
CA HIS A 12 -7.39 6.94 -11.60
C HIS A 12 -6.01 6.83 -12.28
N LYS A 13 -5.64 7.91 -12.97
CA LYS A 13 -4.37 7.97 -13.68
C LYS A 13 -3.21 7.80 -12.70
N ILE A 14 -3.33 8.39 -11.51
CA ILE A 14 -2.23 8.31 -10.54
C ILE A 14 -2.08 6.84 -10.08
N MET A 15 -3.20 6.17 -9.89
CA MET A 15 -3.19 4.83 -9.36
C MET A 15 -2.69 3.82 -10.40
N LYS A 16 -3.20 3.89 -11.63
CA LYS A 16 -2.71 3.04 -12.74
C LYS A 16 -1.21 3.17 -12.98
N LYS A 17 -0.72 4.40 -13.02
CA LYS A 17 0.68 4.66 -13.26
C LYS A 17 1.55 4.00 -12.19
N HIS A 18 1.20 4.17 -10.94
CA HIS A 18 2.05 3.64 -9.91
C HIS A 18 1.84 2.20 -9.49
N SER A 19 0.66 1.67 -9.66
CA SER A 19 0.44 0.26 -9.39
C SER A 19 -0.46 -0.43 -10.35
N LYS A 20 0.14 -1.09 -11.30
CA LYS A 20 -0.67 -1.82 -12.27
C LYS A 20 -1.47 -2.97 -11.63
N SER A 21 -0.93 -3.60 -10.58
CA SER A 21 -1.65 -4.71 -9.92
C SER A 21 -2.91 -4.27 -9.20
N PHE A 22 -2.81 -3.20 -8.40
CA PHE A 22 -3.97 -2.79 -7.59
C PHE A 22 -5.01 -2.16 -8.50
N SER A 23 -4.51 -1.46 -9.51
CA SER A 23 -5.40 -0.86 -10.51
C SER A 23 -6.17 -1.98 -11.22
N TYR A 24 -5.44 -3.03 -11.61
CA TYR A 24 -6.06 -4.12 -12.36
C TYR A 24 -7.20 -4.71 -11.53
N ALA A 25 -6.96 -4.94 -10.25
CA ALA A 25 -7.99 -5.54 -9.40
C ALA A 25 -9.11 -4.56 -9.04
N PHE A 26 -8.73 -3.40 -8.51
CA PHE A 26 -9.76 -2.52 -7.92
C PHE A 26 -10.63 -1.82 -8.96
N ASP A 27 -10.13 -1.72 -10.19
CA ASP A 27 -10.97 -1.22 -11.28
C ASP A 27 -12.13 -2.15 -11.63
N LEU A 28 -12.12 -3.34 -11.06
CA LEU A 28 -13.23 -4.29 -11.27
C LEU A 28 -14.36 -4.04 -10.31
N LEU A 29 -14.15 -3.15 -9.32
CA LEU A 29 -15.24 -2.77 -8.40
C LEU A 29 -16.35 -2.05 -9.14
N PRO A 30 -17.58 -2.06 -8.56
CA PRO A 30 -18.65 -1.21 -9.03
C PRO A 30 -18.19 0.22 -9.00
N GLU A 31 -18.74 1.00 -9.93
CA GLU A 31 -18.31 2.38 -10.20
C GLU A 31 -18.18 3.32 -9.00
N ASP A 32 -19.16 3.41 -8.10
CA ASP A 32 -18.94 4.32 -6.95
C ASP A 32 -17.82 3.83 -6.02
N GLN A 33 -17.63 2.52 -5.91
CA GLN A 33 -16.60 2.01 -5.01
C GLN A 33 -15.21 2.17 -5.58
N ARG A 34 -15.02 1.86 -6.86
CA ARG A 34 -13.72 2.05 -7.49
C ARG A 34 -13.28 3.52 -7.48
N LYS A 35 -14.18 4.44 -7.83
CA LYS A 35 -13.81 5.86 -7.79
C LYS A 35 -13.36 6.27 -6.38
N ALA A 36 -14.05 5.79 -5.35
CA ALA A 36 -13.63 6.08 -3.96
C ALA A 36 -12.25 5.52 -3.67
N VAL A 37 -11.94 4.33 -4.19
CA VAL A 37 -10.60 3.76 -4.05
C VAL A 37 -9.56 4.57 -4.79
N TRP A 38 -9.87 5.02 -6.01
CA TRP A 38 -8.90 5.88 -6.73
C TRP A 38 -8.48 7.13 -5.94
N ALA A 39 -9.47 7.83 -5.40
CA ALA A 39 -9.26 9.08 -4.64
C ALA A 39 -8.45 8.80 -3.35
N ILE A 40 -8.78 7.74 -2.61
CA ILE A 40 -8.00 7.45 -1.39
C ILE A 40 -6.59 7.06 -1.76
N TYR A 41 -6.48 6.16 -2.72
CA TYR A 41 -5.18 5.79 -3.23
C TYR A 41 -4.35 6.97 -3.73
N ALA A 42 -4.95 7.89 -4.51
CA ALA A 42 -4.17 9.03 -5.00
C ALA A 42 -3.70 9.93 -3.89
N VAL A 43 -4.54 10.17 -2.88
CA VAL A 43 -4.13 10.97 -1.74
C VAL A 43 -2.91 10.32 -1.05
N CYS A 44 -3.02 9.02 -0.80
CA CYS A 44 -1.90 8.32 -0.16
C CYS A 44 -0.61 8.43 -0.97
N ARG A 45 -0.71 8.24 -2.29
CA ARG A 45 0.43 8.43 -3.19
C ARG A 45 1.03 9.84 -3.17
N LYS A 46 0.18 10.86 -3.17
CA LYS A 46 0.68 12.24 -3.05
C LYS A 46 1.43 12.43 -1.72
N ILE A 47 0.92 11.86 -0.66
CA ILE A 47 1.60 11.89 0.66
C ILE A 47 3.01 11.19 0.56
N ASP A 48 3.05 9.99 0.07
CA ASP A 48 4.30 9.27 -0.12
CA ASP A 48 4.32 9.33 -0.19
C ASP A 48 5.35 10.04 -0.94
N ASP A 49 4.94 10.80 -1.94
CA ASP A 49 5.88 11.53 -2.80
C ASP A 49 6.16 13.00 -2.38
N SER A 50 5.52 13.48 -1.32
CA SER A 50 5.48 14.92 -1.04
C SER A 50 6.84 15.58 -0.74
N ILE A 51 7.72 14.84 -0.09
CA ILE A 51 8.93 15.45 0.43
C ILE A 51 9.85 15.86 -0.73
N ASP A 52 9.85 15.05 -1.79
CA ASP A 52 10.66 15.31 -2.96
C ASP A 52 10.18 16.46 -3.87
N VAL A 53 9.04 17.06 -3.61
CA VAL A 53 8.59 18.19 -4.46
C VAL A 53 9.57 19.38 -4.45
N TYR A 54 9.86 19.89 -3.24
CA TYR A 54 10.88 20.95 -3.01
C TYR A 54 12.12 20.41 -2.34
N GLY A 55 11.94 19.34 -1.56
CA GLY A 55 13.02 18.78 -0.73
C GLY A 55 12.84 18.91 0.78
N ASP A 56 11.64 19.35 1.21
CA ASP A 56 11.29 19.46 2.64
C ASP A 56 9.79 19.26 2.91
N ILE A 57 9.34 19.65 4.11
CA ILE A 57 8.00 19.28 4.54
C ILE A 57 6.85 20.18 4.07
N GLN A 58 7.18 21.21 3.30
CA GLN A 58 6.19 22.21 2.86
C GLN A 58 4.95 21.59 2.28
N PHE A 59 5.11 20.91 1.16
CA PHE A 59 3.98 20.33 0.47
C PHE A 59 3.23 19.34 1.36
N LEU A 60 3.97 18.58 2.17
CA LEU A 60 3.32 17.61 3.05
C LEU A 60 2.40 18.34 4.07
N ASN A 61 2.86 19.45 4.65
CA ASN A 61 2.01 20.17 5.61
C ASN A 61 0.74 20.73 4.91
N GLN A 62 0.84 21.09 3.63
CA GLN A 62 -0.34 21.59 2.91
C GLN A 62 -1.36 20.51 2.61
N ILE A 63 -0.89 19.30 2.25
CA ILE A 63 -1.79 18.13 2.12
C ILE A 63 -2.52 17.90 3.43
N LYS A 64 -1.77 17.97 4.54
CA LYS A 64 -2.31 17.65 5.84
C LYS A 64 -3.40 18.66 6.21
N GLU A 65 -3.13 19.94 5.93
CA GLU A 65 -4.12 20.99 6.18
C GLU A 65 -5.37 20.83 5.31
N ASP A 66 -5.18 20.42 4.04
CA ASP A 66 -6.32 20.04 3.19
C ASP A 66 -7.23 18.98 3.79
N ILE A 67 -6.61 17.89 4.22
CA ILE A 67 -7.33 16.80 4.83
C ILE A 67 -8.02 17.21 6.11
N GLN A 68 -7.35 18.01 6.93
CA GLN A 68 -7.98 18.57 8.12
C GLN A 68 -9.17 19.46 7.79
N SER A 69 -9.07 20.24 6.70
CA SER A 69 -10.22 21.06 6.28
C SER A 69 -11.44 20.19 5.99
N ILE A 70 -11.19 19.07 5.30
CA ILE A 70 -12.26 18.17 4.91
C ILE A 70 -12.87 17.54 6.14
N GLU A 71 -12.03 17.16 7.08
CA GLU A 71 -12.51 16.48 8.26
C GLU A 71 -13.42 17.43 9.07
N LYS A 72 -12.94 18.66 9.27
CA LYS A 72 -13.63 19.65 10.13
C LYS A 72 -14.87 20.27 9.47
N TYR A 73 -14.77 20.56 8.17
CA TYR A 73 -15.87 21.10 7.36
C TYR A 73 -16.20 20.28 6.10
N PRO A 74 -16.81 19.11 6.26
CA PRO A 74 -16.94 18.28 5.08
C PRO A 74 -17.78 18.89 3.95
N TYR A 75 -18.72 19.79 4.29
CA TYR A 75 -19.66 20.32 3.25
C TYR A 75 -19.36 21.75 2.81
N GLU A 76 -18.25 22.31 3.27
CA GLU A 76 -17.95 23.71 2.95
C GLU A 76 -17.06 23.69 1.74
N TYR A 77 -17.14 24.75 0.95
CA TYR A 77 -16.18 24.95 -0.10
C TYR A 77 -14.81 25.36 0.41
N HIS A 78 -13.79 24.62 -0.02
CA HIS A 78 -12.43 24.87 0.41
C HIS A 78 -11.61 25.25 -0.80
N HIS A 79 -10.73 26.24 -0.62
CA HIS A 79 -9.63 26.51 -1.52
C HIS A 79 -8.40 25.71 -1.13
N PHE A 80 -8.24 24.54 -1.75
CA PHE A 80 -7.20 23.60 -1.32
C PHE A 80 -5.81 24.08 -1.61
N GLN A 81 -4.89 23.80 -0.69
CA GLN A 81 -3.51 24.26 -0.79
C GLN A 81 -2.64 23.31 -1.59
N SER A 82 -2.99 22.03 -1.69
CA SER A 82 -2.07 21.08 -2.30
C SER A 82 -2.56 20.70 -3.71
N ASP A 83 -3.00 19.46 -3.89
CA ASP A 83 -3.53 19.07 -5.19
C ASP A 83 -5.07 19.17 -5.23
N ARG A 84 -5.60 20.21 -5.87
CA ARG A 84 -7.05 20.46 -5.77
C ARG A 84 -7.88 19.30 -6.28
N ARG A 85 -7.49 18.74 -7.42
CA ARG A 85 -8.27 17.70 -8.04
C ARG A 85 -8.48 16.51 -7.08
N ILE A 86 -7.41 16.13 -6.40
CA ILE A 86 -7.43 14.98 -5.52
C ILE A 86 -8.25 15.34 -4.30
N MET A 87 -8.08 16.55 -3.79
CA MET A 87 -8.78 16.91 -2.54
C MET A 87 -10.28 17.10 -2.74
N MET A 88 -10.67 17.64 -3.89
CA MET A 88 -12.12 17.68 -4.22
C MET A 88 -12.72 16.28 -4.31
N ALA A 89 -12.01 15.35 -4.92
CA ALA A 89 -12.49 13.94 -4.94
C ALA A 89 -12.52 13.28 -3.58
N LEU A 90 -11.49 13.47 -2.78
CA LEU A 90 -11.53 12.97 -1.41
C LEU A 90 -12.66 13.58 -0.62
N GLN A 91 -12.86 14.87 -0.78
CA GLN A 91 -14.00 15.49 -0.09
C GLN A 91 -15.33 14.88 -0.53
N HIS A 92 -15.42 14.58 -1.81
CA HIS A 92 -16.66 13.99 -2.32
C HIS A 92 -16.86 12.62 -1.68
N VAL A 93 -15.81 11.80 -1.65
CA VAL A 93 -15.88 10.52 -0.89
C VAL A 93 -16.37 10.71 0.57
N ALA A 94 -15.81 11.71 1.26
CA ALA A 94 -16.00 11.85 2.70
C ALA A 94 -17.44 12.26 3.02
N GLN A 95 -18.10 12.89 2.06
CA GLN A 95 -19.52 13.22 2.21
C GLN A 95 -20.42 11.99 2.13
N HIS A 96 -19.91 10.90 1.57
CA HIS A 96 -20.71 9.69 1.39
C HIS A 96 -20.23 8.54 2.31
N LYS A 97 -18.99 8.63 2.81
CA LYS A 97 -18.37 7.54 3.60
C LYS A 97 -17.71 8.03 4.89
N ASN A 98 -17.71 7.18 5.92
CA ASN A 98 -17.08 7.49 7.20
C ASN A 98 -15.57 7.25 7.13
N ILE A 99 -14.81 8.25 6.72
CA ILE A 99 -13.36 8.09 6.54
C ILE A 99 -12.61 8.15 7.89
N ALA A 100 -11.67 7.23 8.12
CA ALA A 100 -10.84 7.30 9.31
C ALA A 100 -9.69 8.32 9.17
N PHE A 101 -9.97 9.58 9.51
CA PHE A 101 -9.00 10.61 9.28
C PHE A 101 -7.71 10.38 10.08
N GLN A 102 -7.81 9.78 11.26
CA GLN A 102 -6.59 9.60 12.08
C GLN A 102 -5.68 8.62 11.37
N SER A 103 -6.26 7.80 10.50
CA SER A 103 -5.44 6.88 9.72
C SER A 103 -4.62 7.61 8.67
N PHE A 104 -5.18 8.64 8.01
CA PHE A 104 -4.33 9.49 7.15
C PHE A 104 -3.27 10.19 7.98
N TYR A 105 -3.62 10.64 9.17
CA TYR A 105 -2.64 11.40 9.95
C TYR A 105 -1.50 10.49 10.40
N ASN A 106 -1.82 9.24 10.71
CA ASN A 106 -0.78 8.25 11.03
C ASN A 106 0.19 8.04 9.87
N LEU A 107 -0.37 7.93 8.67
CA LEU A 107 0.43 7.78 7.45
C LEU A 107 1.36 8.99 7.25
N ILE A 108 0.78 10.18 7.37
CA ILE A 108 1.53 11.42 7.29
C ILE A 108 2.66 11.49 8.34
N ASP A 109 2.41 11.03 9.56
CA ASP A 109 3.47 11.07 10.60
C ASP A 109 4.60 10.10 10.26
N THR A 110 4.24 8.97 9.66
CA THR A 110 5.24 7.99 9.22
C THR A 110 6.16 8.56 8.12
N VAL A 111 5.56 9.27 7.16
CA VAL A 111 6.34 10.07 6.20
C VAL A 111 7.27 11.13 6.77
N TYR A 112 6.77 12.00 7.68
CA TYR A 112 7.64 12.94 8.41
C TYR A 112 8.85 12.23 9.03
N LYS A 113 8.61 11.08 9.65
CA LYS A 113 9.65 10.35 10.43
C LYS A 113 10.67 9.78 9.49
N ASP A 114 10.20 9.44 8.32
CA ASP A 114 10.99 8.69 7.36
C ASP A 114 12.07 9.60 6.75
N GLN A 115 11.91 10.91 6.95
CA GLN A 115 12.99 11.89 6.75
C GLN A 115 14.27 11.68 7.59
N HIS A 116 14.13 11.25 8.84
CA HIS A 116 15.30 10.96 9.70
C HIS A 116 15.43 9.46 9.86
N PHE A 117 15.28 8.74 8.74
CA PHE A 117 15.26 7.28 8.75
C PHE A 117 16.47 6.74 9.43
N THR A 118 16.26 5.85 10.39
CA THR A 118 17.33 4.98 10.83
C THR A 118 16.77 3.57 10.79
N MET A 119 17.64 2.63 10.50
CA MET A 119 17.26 1.25 10.40
C MET A 119 16.49 0.80 11.62
N PHE A 120 15.64 -0.19 11.43
CA PHE A 120 14.88 -0.77 12.51
C PHE A 120 15.74 -1.72 13.34
N GLU A 121 15.67 -1.60 14.67
CA GLU A 121 16.45 -2.42 15.58
C GLU A 121 15.85 -3.78 15.62
N THR A 122 14.53 -3.84 15.60
CA THR A 122 13.81 -5.08 15.78
C THR A 122 12.67 -5.22 14.78
N ASP A 123 12.19 -6.44 14.62
CA ASP A 123 11.05 -6.68 13.76
C ASP A 123 9.78 -5.93 14.19
N ALA A 124 9.62 -5.74 15.50
CA ALA A 124 8.47 -4.99 16.04
C ALA A 124 8.45 -3.59 15.46
N GLU A 125 9.62 -2.97 15.30
CA GLU A 125 9.68 -1.64 14.69
C GLU A 125 9.39 -1.69 13.19
N LEU A 126 9.84 -2.74 12.53
CA LEU A 126 9.54 -2.92 11.12
C LEU A 126 8.02 -3.05 10.95
N PHE A 127 7.39 -3.93 11.73
CA PHE A 127 5.94 -4.08 11.67
C PHE A 127 5.16 -2.81 12.03
N GLY A 128 5.68 -2.03 12.95
CA GLY A 128 5.18 -0.67 13.15
C GLY A 128 5.19 0.22 11.94
N TYR A 129 6.26 0.12 11.16
CA TYR A 129 6.38 0.88 9.95
C TYR A 129 5.39 0.42 8.90
N CYS A 130 5.21 -0.90 8.80
CA CYS A 130 4.25 -1.47 7.86
C CYS A 130 2.83 -1.02 8.22
N TYR A 131 2.53 -0.98 9.51
CA TYR A 131 1.26 -0.39 9.91
C TYR A 131 1.19 1.07 9.39
N GLY A 132 2.16 1.89 9.81
CA GLY A 132 2.16 3.31 9.49
C GLY A 132 1.94 3.64 8.03
N VAL A 133 2.52 2.83 7.17
CA VAL A 133 2.62 3.15 5.76
C VAL A 133 1.55 2.39 4.96
N ALA A 134 0.99 1.32 5.53
CA ALA A 134 0.14 0.47 4.71
C ALA A 134 -1.05 -0.10 5.46
N GLY A 135 -0.91 -0.39 6.74
CA GLY A 135 -2.06 -0.82 7.54
C GLY A 135 -3.03 0.36 7.59
N THR A 136 -2.48 1.56 7.68
CA THR A 136 -3.29 2.79 7.69
C THR A 136 -4.13 2.91 6.41
N VAL A 137 -3.54 2.56 5.27
CA VAL A 137 -4.28 2.64 3.99
C VAL A 137 -5.42 1.65 4.00
N GLY A 138 -5.19 0.45 4.54
CA GLY A 138 -6.29 -0.56 4.71
C GLY A 138 -7.46 -0.06 5.57
N GLU A 139 -7.09 0.62 6.66
CA GLU A 139 -8.09 1.22 7.53
C GLU A 139 -8.94 2.22 6.77
N VAL A 140 -8.31 3.15 6.05
CA VAL A 140 -9.06 4.18 5.31
C VAL A 140 -9.95 3.58 4.25
N LEU A 141 -9.51 2.49 3.59
CA LEU A 141 -10.31 1.75 2.61
C LEU A 141 -11.46 0.91 3.15
N THR A 142 -11.40 0.57 4.41
CA THR A 142 -12.38 -0.29 5.03
C THR A 142 -13.87 0.02 4.76
N PRO A 143 -14.30 1.28 4.99
CA PRO A 143 -15.72 1.60 4.80
C PRO A 143 -16.12 1.49 3.34
N ILE A 144 -15.15 1.55 2.44
CA ILE A 144 -15.42 1.41 1.02
C ILE A 144 -15.68 -0.05 0.65
N LEU A 145 -14.95 -0.96 1.26
CA LEU A 145 -14.89 -2.35 0.84
C LEU A 145 -15.80 -3.27 1.66
N SER A 146 -16.56 -2.70 2.59
CA SER A 146 -17.38 -3.52 3.47
C SER A 146 -18.65 -2.78 3.86
N ASP A 147 -19.72 -3.54 4.07
CA ASP A 147 -21.06 -2.97 4.21
C ASP A 147 -21.28 -2.47 5.60
N HIS A 148 -20.73 -3.21 6.55
CA HIS A 148 -20.84 -2.86 7.94
C HIS A 148 -19.52 -3.20 8.64
N GLU A 149 -18.88 -2.16 9.16
CA GLU A 149 -17.54 -2.26 9.63
C GLU A 149 -17.54 -2.60 11.11
N THR A 150 -16.75 -3.58 11.49
CA THR A 150 -16.59 -3.90 12.88
C THR A 150 -15.11 -3.82 13.13
N HIS A 151 -14.71 -4.06 14.36
CA HIS A 151 -13.32 -4.10 14.65
C HIS A 151 -12.62 -5.18 13.81
N GLN A 152 -13.31 -6.30 13.54
CA GLN A 152 -12.74 -7.36 12.72
C GLN A 152 -12.44 -6.91 11.28
N THR A 153 -13.33 -6.12 10.69
CA THR A 153 -13.08 -5.61 9.32
C THR A 153 -11.79 -4.78 9.23
N TYR A 154 -11.65 -3.85 10.17
CA TYR A 154 -10.45 -3.07 10.26
C TYR A 154 -9.23 -3.94 10.53
N ASP A 155 -9.38 -4.95 11.40
CA ASP A 155 -8.26 -5.80 11.73
C ASP A 155 -7.77 -6.55 10.49
N VAL A 156 -8.68 -7.12 9.73
CA VAL A 156 -8.34 -7.83 8.48
C VAL A 156 -7.72 -6.90 7.44
N ALA A 157 -8.36 -5.77 7.18
CA ALA A 157 -7.89 -4.80 6.19
C ALA A 157 -6.52 -4.27 6.55
N ARG A 158 -6.30 -4.07 7.84
CA ARG A 158 -5.01 -3.64 8.37
C ARG A 158 -3.91 -4.70 8.16
N ARG A 159 -4.21 -5.96 8.46
CA ARG A 159 -3.29 -7.05 8.23
C ARG A 159 -2.97 -7.25 6.75
N LEU A 160 -3.98 -7.17 5.91
CA LEU A 160 -3.77 -7.20 4.46
C LEU A 160 -2.78 -6.12 4.03
N GLY A 161 -2.98 -4.89 4.49
CA GLY A 161 -2.09 -3.79 4.13
C GLY A 161 -0.66 -4.03 4.53
N GLU A 162 -0.49 -4.53 5.74
CA GLU A 162 0.86 -4.75 6.22
C GLU A 162 1.56 -5.90 5.50
N SER A 163 0.79 -6.91 5.11
CA SER A 163 1.31 -8.02 4.34
C SER A 163 1.72 -7.61 2.89
N LEU A 164 0.90 -6.81 2.21
CA LEU A 164 1.29 -6.17 0.96
C LEU A 164 2.56 -5.33 1.07
N GLN A 165 2.72 -4.58 2.15
CA GLN A 165 3.93 -3.80 2.34
C GLN A 165 5.16 -4.66 2.52
N LEU A 166 5.02 -5.72 3.31
CA LEU A 166 6.12 -6.66 3.48
C LEU A 166 6.58 -7.28 2.15
N ILE A 167 5.62 -7.66 1.31
CA ILE A 167 5.90 -8.10 -0.06
C ILE A 167 6.58 -7.05 -0.90
N ASN A 168 6.11 -5.81 -0.86
CA ASN A 168 6.85 -4.69 -1.48
C ASN A 168 8.29 -4.68 -1.05
N ILE A 169 8.51 -4.70 0.27
CA ILE A 169 9.88 -4.69 0.79
C ILE A 169 10.75 -5.80 0.18
N LEU A 170 10.20 -6.99 0.13
CA LEU A 170 10.88 -8.18 -0.33
C LEU A 170 11.12 -8.12 -1.85
N ARG A 171 10.25 -7.40 -2.57
CA ARG A 171 10.48 -7.13 -4.00
C ARG A 171 11.58 -6.10 -4.24
N ASP A 172 11.73 -5.14 -3.34
CA ASP A 172 12.52 -3.93 -3.64
C ASP A 172 13.82 -3.83 -2.85
N VAL A 173 14.28 -4.93 -2.27
CA VAL A 173 15.52 -4.89 -1.50
C VAL A 173 16.65 -4.10 -2.20
N GLY A 174 16.94 -4.41 -3.46
CA GLY A 174 18.08 -3.75 -4.14
C GLY A 174 17.85 -2.27 -4.45
N GLU A 175 16.68 -1.97 -5.01
CA GLU A 175 16.29 -0.57 -5.25
C GLU A 175 16.25 0.26 -3.97
N ASP A 176 15.70 -0.31 -2.88
CA ASP A 176 15.74 0.44 -1.61
C ASP A 176 17.18 0.68 -1.16
N PHE A 177 18.01 -0.36 -1.32
CA PHE A 177 19.41 -0.26 -0.88
C PHE A 177 20.08 0.93 -1.62
N GLU A 178 19.87 1.03 -2.92
CA GLU A 178 20.41 2.20 -3.69
C GLU A 178 19.95 3.54 -3.13
N ASN A 179 18.77 3.57 -2.57
CA ASN A 179 18.24 4.82 -2.05
C ASN A 179 18.53 4.95 -0.55
N GLU A 180 19.51 4.16 -0.09
CA GLU A 180 19.95 4.24 1.29
C GLU A 180 18.88 3.79 2.30
N ARG A 181 18.10 2.81 1.90
CA ARG A 181 17.12 2.23 2.79
C ARG A 181 17.28 0.71 2.94
N ILE A 182 17.31 0.25 4.17
CA ILE A 182 17.17 -1.16 4.43
C ILE A 182 16.06 -1.31 5.45
N TYR A 183 15.10 -2.19 5.16
CA TYR A 183 13.89 -2.33 5.96
C TYR A 183 13.92 -3.61 6.76
N PHE A 184 14.77 -4.57 6.40
CA PHE A 184 15.01 -5.72 7.28
C PHE A 184 15.58 -5.22 8.61
N SER A 185 15.18 -5.84 9.72
CA SER A 185 15.61 -5.34 11.03
C SER A 185 17.07 -5.72 11.33
N LYS A 186 17.74 -4.88 12.11
CA LYS A 186 19.09 -5.21 12.58
C LYS A 186 19.16 -6.53 13.34
N GLN A 187 18.18 -6.77 14.19
CA GLN A 187 18.12 -8.05 14.90
C GLN A 187 18.17 -9.22 13.91
N ARG A 188 17.35 -9.13 12.88
CA ARG A 188 17.18 -10.28 11.99
C ARG A 188 18.38 -10.37 11.02
N LEU A 189 19.00 -9.24 10.68
CA LEU A 189 20.16 -9.23 9.80
C LEU A 189 21.38 -9.83 10.53
N LYS A 190 21.51 -9.51 11.82
CA LYS A 190 22.55 -10.09 12.67
C LYS A 190 22.36 -11.57 12.87
N GLN A 191 21.14 -11.98 13.20
CA GLN A 191 20.82 -13.38 13.40
C GLN A 191 21.19 -14.25 12.21
N TYR A 192 20.97 -13.76 10.98
CA TYR A 192 21.15 -14.61 9.79
C TYR A 192 22.50 -14.36 9.16
N GLU A 193 23.27 -13.46 9.79
CA GLU A 193 24.60 -13.09 9.31
C GLU A 193 24.61 -12.51 7.90
N VAL A 194 23.90 -11.40 7.70
CA VAL A 194 23.60 -10.92 6.35
C VAL A 194 23.93 -9.45 6.32
N ASP A 195 24.65 -9.02 5.28
CA ASP A 195 25.02 -7.62 5.12
C ASP A 195 24.55 -7.19 3.75
N ILE A 196 23.48 -6.39 3.71
CA ILE A 196 22.89 -5.99 2.43
C ILE A 196 23.91 -5.41 1.43
N ALA A 197 24.77 -4.51 1.88
CA ALA A 197 25.79 -3.98 0.98
C ALA A 197 26.62 -5.12 0.38
N GLU A 198 26.99 -6.08 1.22
CA GLU A 198 27.84 -7.19 0.78
C GLU A 198 27.11 -8.01 -0.29
N VAL A 199 25.83 -8.28 -0.03
CA VAL A 199 24.99 -9.03 -0.97
C VAL A 199 24.74 -8.23 -2.25
N TYR A 200 24.58 -6.93 -2.14
CA TYR A 200 24.40 -6.11 -3.33
C TYR A 200 25.66 -6.16 -4.23
N GLN A 201 26.81 -6.36 -3.60
CA GLN A 201 28.10 -6.35 -4.29
C GLN A 201 28.44 -7.72 -4.88
N ASN A 202 28.13 -8.78 -4.15
CA ASN A 202 28.67 -10.11 -4.45
C ASN A 202 27.62 -11.15 -4.78
N GLY A 203 26.36 -10.73 -4.79
CA GLY A 203 25.31 -11.67 -5.13
C GLY A 203 24.70 -12.36 -3.95
N VAL A 204 23.67 -13.12 -4.22
CA VAL A 204 22.96 -13.81 -3.16
C VAL A 204 23.90 -14.85 -2.55
N ASN A 205 23.44 -15.48 -1.47
CA ASN A 205 24.10 -16.63 -0.87
C ASN A 205 23.02 -17.24 -0.01
N ASN A 206 23.30 -18.37 0.62
CA ASN A 206 22.32 -19.10 1.44
C ASN A 206 21.80 -18.31 2.67
N HIS A 207 22.66 -17.54 3.32
CA HIS A 207 22.22 -16.71 4.47
C HIS A 207 21.12 -15.68 4.09
N TYR A 208 21.37 -14.96 2.99
CA TYR A 208 20.41 -13.97 2.48
C TYR A 208 19.08 -14.65 2.16
N ILE A 209 19.16 -15.76 1.42
CA ILE A 209 17.98 -16.47 1.01
C ILE A 209 17.16 -16.91 2.23
N ASP A 210 17.84 -17.41 3.26
CA ASP A 210 17.14 -17.79 4.49
C ASP A 210 16.48 -16.56 5.13
N LEU A 211 17.20 -15.44 5.18
CA LEU A 211 16.62 -14.21 5.75
C LEU A 211 15.40 -13.76 4.94
N TRP A 212 15.54 -13.69 3.62
CA TRP A 212 14.43 -13.32 2.74
C TRP A 212 13.21 -14.25 2.96
N GLU A 213 13.47 -15.56 3.01
CA GLU A 213 12.37 -16.51 3.18
C GLU A 213 11.73 -16.42 4.57
N TYR A 214 12.51 -16.05 5.59
CA TYR A 214 11.95 -15.83 6.92
C TYR A 214 10.78 -14.84 6.80
N TYR A 215 11.04 -13.67 6.20
CA TYR A 215 10.01 -12.65 6.01
C TYR A 215 8.91 -13.07 5.05
N ALA A 216 9.26 -13.76 3.97
CA ALA A 216 8.25 -14.19 2.99
C ALA A 216 7.25 -15.10 3.67
N ALA A 217 7.73 -15.94 4.58
CA ALA A 217 6.82 -16.87 5.24
C ALA A 217 5.91 -16.08 6.21
N ILE A 218 6.39 -14.97 6.74
CA ILE A 218 5.51 -14.11 7.53
C ILE A 218 4.41 -13.55 6.63
N ALA A 219 4.79 -12.98 5.50
CA ALA A 219 3.80 -12.37 4.60
C ALA A 219 2.76 -13.41 4.14
N GLU A 220 3.23 -14.61 3.83
CA GLU A 220 2.34 -15.69 3.38
C GLU A 220 1.33 -16.18 4.45
N LYS A 221 1.77 -16.30 5.69
CA LYS A 221 0.87 -16.70 6.76
C LYS A 221 -0.17 -15.61 6.99
N ASP A 222 0.27 -14.35 6.93
CA ASP A 222 -0.67 -13.26 7.13
C ASP A 222 -1.74 -13.26 6.04
N PHE A 223 -1.30 -13.51 4.81
CA PHE A 223 -2.17 -13.58 3.63
C PHE A 223 -3.21 -14.66 3.79
N ARG A 224 -2.78 -15.85 4.23
CA ARG A 224 -3.71 -16.96 4.52
C ARG A 224 -4.76 -16.54 5.55
N ASP A 225 -4.33 -15.90 6.64
CA ASP A 225 -5.29 -15.42 7.63
C ASP A 225 -6.30 -14.41 7.10
N VAL A 226 -5.86 -13.44 6.29
CA VAL A 226 -6.80 -12.57 5.58
C VAL A 226 -7.79 -13.36 4.67
N MET A 227 -7.27 -14.24 3.82
CA MET A 227 -8.15 -15.03 2.98
C MET A 227 -9.19 -15.79 3.78
N ASP A 228 -8.82 -16.31 4.94
CA ASP A 228 -9.77 -17.05 5.74
C ASP A 228 -10.82 -16.16 6.37
N GLN A 229 -10.59 -14.85 6.41
CA GLN A 229 -11.53 -13.91 6.99
C GLN A 229 -12.11 -12.99 5.92
N ILE A 230 -12.03 -13.41 4.66
CA ILE A 230 -12.48 -12.58 3.53
C ILE A 230 -13.94 -12.15 3.66
N LYS A 231 -14.73 -12.92 4.39
CA LYS A 231 -16.16 -12.63 4.48
C LYS A 231 -16.49 -11.30 5.23
N VAL A 232 -15.48 -10.67 5.84
CA VAL A 232 -15.70 -9.39 6.51
C VAL A 232 -16.02 -8.32 5.46
N PHE A 233 -15.68 -8.61 4.21
CA PHE A 233 -15.80 -7.60 3.17
C PHE A 233 -17.11 -7.77 2.39
N SER A 234 -17.57 -6.70 1.74
CA SER A 234 -18.77 -6.79 0.90
C SER A 234 -18.65 -7.93 -0.10
N ILE A 235 -19.78 -8.44 -0.56
CA ILE A 235 -19.75 -9.56 -1.50
C ILE A 235 -19.08 -9.19 -2.80
N GLU A 236 -19.24 -7.95 -3.25
CA GLU A 236 -18.61 -7.50 -4.51
C GLU A 236 -17.09 -7.26 -4.38
N ALA A 237 -16.66 -6.91 -3.19
CA ALA A 237 -15.25 -6.63 -2.97
C ALA A 237 -14.45 -7.91 -2.68
N GLN A 238 -15.09 -8.95 -2.18
CA GLN A 238 -14.39 -10.16 -1.83
C GLN A 238 -13.48 -10.72 -2.95
N PRO A 239 -14.06 -11.00 -4.16
CA PRO A 239 -13.20 -11.58 -5.23
C PRO A 239 -12.09 -10.62 -5.65
N ILE A 240 -12.35 -9.33 -5.52
CA ILE A 240 -11.43 -8.30 -5.98
C ILE A 240 -10.25 -8.17 -5.03
N ILE A 241 -10.58 -8.22 -3.74
CA ILE A 241 -9.56 -8.22 -2.69
C ILE A 241 -8.78 -9.50 -2.75
N GLU A 242 -9.45 -10.62 -3.02
CA GLU A 242 -8.70 -11.87 -3.21
C GLU A 242 -7.74 -11.81 -4.41
N LEU A 243 -8.18 -11.19 -5.49
CA LEU A 243 -7.31 -11.03 -6.64
C LEU A 243 -6.10 -10.11 -6.34
N ALA A 244 -6.38 -8.94 -5.76
CA ALA A 244 -5.29 -7.98 -5.42
C ALA A 244 -4.22 -8.69 -4.65
N ALA A 245 -4.66 -9.48 -3.67
CA ALA A 245 -3.77 -10.22 -2.81
C ALA A 245 -2.99 -11.31 -3.53
N ARG A 246 -3.68 -12.04 -4.41
CA ARG A 246 -3.08 -13.17 -5.09
C ARG A 246 -2.05 -12.68 -6.08
N ILE A 247 -2.36 -11.59 -6.75
CA ILE A 247 -1.39 -10.98 -7.61
C ILE A 247 -0.13 -10.64 -6.81
N TYR A 248 -0.30 -10.13 -5.59
CA TYR A 248 0.85 -9.72 -4.78
C TYR A 248 1.63 -10.86 -4.21
N ILE A 249 0.94 -11.91 -3.80
CA ILE A 249 1.58 -13.11 -3.37
C ILE A 249 2.46 -13.73 -4.48
N GLU A 250 2.03 -13.56 -5.74
CA GLU A 250 2.75 -14.05 -6.89
C GLU A 250 4.10 -13.32 -7.07
N ILE A 251 4.17 -12.06 -6.62
CA ILE A 251 5.43 -11.36 -6.63
C ILE A 251 6.54 -12.14 -5.93
N LEU A 252 6.18 -12.87 -4.87
CA LEU A 252 7.17 -13.63 -4.12
C LEU A 252 7.78 -14.71 -5.01
N ASP A 253 6.95 -15.38 -5.81
CA ASP A 253 7.48 -16.39 -6.73
C ASP A 253 8.30 -15.81 -7.87
N GLU A 254 7.88 -14.66 -8.36
CA GLU A 254 8.68 -13.94 -9.33
C GLU A 254 10.07 -13.65 -8.77
N VAL A 255 10.15 -13.29 -7.50
CA VAL A 255 11.47 -13.02 -6.90
C VAL A 255 12.37 -14.26 -6.88
N ARG A 256 11.82 -15.40 -6.43
CA ARG A 256 12.59 -16.65 -6.30
C ARG A 256 13.03 -17.15 -7.66
N GLN A 257 12.10 -17.10 -8.62
CA GLN A 257 12.43 -17.32 -10.01
C GLN A 257 13.59 -16.48 -10.56
N ALA A 258 13.69 -15.19 -10.19
CA ALA A 258 14.81 -14.37 -10.60
C ALA A 258 15.99 -14.50 -9.64
N ASN A 259 15.97 -15.57 -8.85
CA ASN A 259 17.05 -15.85 -7.91
C ASN A 259 17.33 -14.70 -6.94
N TYR A 260 16.28 -14.00 -6.52
CA TYR A 260 16.39 -13.06 -5.42
C TYR A 260 17.22 -11.85 -5.83
N THR A 261 17.30 -11.57 -7.14
CA THR A 261 18.22 -10.53 -7.63
C THR A 261 17.98 -9.21 -6.90
N LEU A 262 19.07 -8.53 -6.55
CA LEU A 262 19.03 -7.14 -6.07
C LEU A 262 19.22 -6.06 -7.14
N HIS A 263 19.21 -6.46 -8.41
CA HIS A 263 19.53 -5.49 -9.46
C HIS A 263 18.44 -5.31 -10.50
N GLU A 264 17.27 -5.90 -10.27
CA GLU A 264 16.08 -5.50 -11.02
C GLU A 264 14.82 -5.67 -10.21
N ARG A 265 13.80 -4.91 -10.61
CA ARG A 265 12.45 -5.04 -10.08
C ARG A 265 11.71 -6.13 -10.83
N VAL A 266 11.38 -7.23 -10.16
CA VAL A 266 10.55 -8.23 -10.82
C VAL A 266 9.08 -7.79 -10.88
N PHE A 267 8.28 -8.47 -11.70
CA PHE A 267 6.87 -8.07 -11.86
C PHE A 267 6.03 -9.26 -12.28
N VAL A 268 4.72 -9.18 -12.05
CA VAL A 268 3.81 -10.22 -12.50
C VAL A 268 3.18 -9.72 -13.80
N GLU A 269 3.53 -10.39 -14.89
CA GLU A 269 3.00 -10.08 -16.21
C GLU A 269 1.50 -9.81 -16.19
N LYS A 270 1.01 -8.89 -17.01
CA LYS A 270 -0.44 -8.69 -17.15
C LYS A 270 -1.22 -9.97 -17.48
N ARG A 271 -0.67 -10.79 -18.36
CA ARG A 271 -1.39 -11.98 -18.78
C ARG A 271 -1.57 -12.96 -17.61
N LYS A 272 -0.56 -13.05 -16.75
CA LYS A 272 -0.64 -13.78 -15.46
C LYS A 272 -1.71 -13.27 -14.49
N LYS A 273 -1.83 -11.95 -14.35
CA LYS A 273 -2.90 -11.39 -13.54
C LYS A 273 -4.27 -11.89 -14.01
N ALA A 274 -4.47 -11.92 -15.32
CA ALA A 274 -5.74 -12.37 -15.91
C ALA A 274 -5.97 -13.85 -15.67
N LYS A 275 -4.90 -14.63 -15.66
CA LYS A 275 -5.03 -16.05 -15.29
C LYS A 275 -5.53 -16.23 -13.85
N LEU A 276 -4.91 -15.51 -12.91
CA LEU A 276 -5.34 -15.58 -11.50
C LEU A 276 -6.79 -15.12 -11.31
N PHE A 277 -7.21 -14.11 -12.06
CA PHE A 277 -8.60 -13.65 -12.02
C PHE A 277 -9.56 -14.72 -12.52
N HIS A 278 -9.18 -15.41 -13.60
CA HIS A 278 -9.98 -16.54 -14.05
C HIS A 278 -10.09 -17.60 -12.96
N GLU A 279 -8.95 -17.99 -12.37
CA GLU A 279 -8.94 -18.99 -11.29
C GLU A 279 -9.90 -18.60 -10.16
N ILE A 280 -9.89 -17.33 -9.79
CA ILE A 280 -10.73 -16.79 -8.71
C ILE A 280 -12.19 -16.57 -9.14
N ASN A 281 -12.38 -15.94 -10.29
CA ASN A 281 -13.73 -15.65 -10.83
C ASN A 281 -14.56 -16.93 -10.92
N SER A 282 -13.89 -18.06 -11.13
CA SER A 282 -14.59 -19.35 -11.17
C SER A 282 -15.18 -19.62 -9.79
N LYS A 283 -14.30 -19.61 -8.77
CA LYS A 283 -14.69 -19.84 -7.38
C LYS A 283 -15.86 -18.98 -6.90
N TYR A 284 -15.95 -17.75 -7.41
CA TYR A 284 -17.09 -16.85 -7.13
C TYR A 284 -18.14 -16.94 -8.22
OAA 651 B . 1.08 1.68 -2.18
CAB 651 B . -5.65 -2.81 1.22
CAC 651 B . -5.34 -2.46 -0.05
CAD 651 B . -4.79 -2.39 2.19
CAE 651 B . -4.21 -1.73 -0.33
CAF 651 B . -3.67 -1.65 1.89
CAG 651 B . -2.33 0.53 -0.50
CAH 651 B . -0.94 -0.82 0.76
CAI 651 B . -1.25 1.33 -0.87
CAJ 651 B . 0.15 -0.05 0.41
CAK 651 B . 2.88 2.25 0.97
CAL 651 B . 3.61 2.34 -1.28
CAM 651 B . 2.78 3.73 0.90
CAN 651 B . 3.30 3.82 -1.37
CAO 651 B . 0.92 3.48 -0.71
CAP 651 B . -3.35 -1.32 0.62
CAQ 651 B . -2.21 -0.56 0.31
CAR 651 B . 0.01 1.06 -0.40
CAS 651 B . 2.59 1.67 -0.38
NAT 651 B . 2.24 4.11 -0.42
CAU 651 B . 1.15 1.98 -0.85
#